data_2DQW
#
_entry.id   2DQW
#
_cell.length_a   109.994
_cell.length_b   109.994
_cell.length_c   88.321
_cell.angle_alpha   90.00
_cell.angle_beta   90.00
_cell.angle_gamma   120.00
#
_symmetry.space_group_name_H-M   'P 65'
#
loop_
_entity.id
_entity.type
_entity.pdbx_description
1 polymer 'Dihydropteroate synthase'
2 water water
#
_entity_poly.entity_id   1
_entity_poly.type   'polypeptide(L)'
_entity_poly.pdbx_seq_one_letter_code
;MGAPPLGPTIIPPVRTLWLRDRALDLDRVRLLGVLNLTPDSFSDGGRYLDPERALERAREMVAEGADILDLGAESTRPGA
APVPVEEEKRRLLPVLEAVLSLGVPVSVDTRKPEVAEEALKLGAHLLNDVTGLRDERMVALAARHGVAAVVMHMPVPDPA
TMMAHARYRDVVAEVKAFLEAQARRALSAGVPQVVLDPGFGFGKLLEHNLALLRRLDEIVALGHPVLVGLSRKRTIGELS
GVEDPAQRVHGSVAAHLFAVMKGVRLLRVHDVRAHREALGVWEALYGGDRPSRA
;
_entity_poly.pdbx_strand_id   A,B
#
# COMPACT_ATOMS: atom_id res chain seq x y z
N VAL A 14 11.11 17.15 -18.93
CA VAL A 14 10.73 16.05 -18.01
C VAL A 14 11.82 15.83 -16.96
N ARG A 15 11.42 15.36 -15.78
CA ARG A 15 12.36 15.10 -14.71
C ARG A 15 13.07 13.77 -14.96
N THR A 16 14.39 13.75 -14.82
CA THR A 16 15.16 12.53 -15.04
C THR A 16 16.28 12.32 -14.02
N LEU A 17 16.81 11.11 -14.01
CA LEU A 17 17.92 10.75 -13.13
C LEU A 17 19.11 10.36 -14.01
N TRP A 18 20.22 11.05 -13.83
CA TRP A 18 21.43 10.76 -14.60
C TRP A 18 22.09 9.50 -14.08
N LEU A 19 22.36 8.56 -14.98
CA LEU A 19 23.00 7.32 -14.59
C LEU A 19 24.25 6.98 -15.42
N ARG A 20 25.26 7.83 -15.27
CA ARG A 20 26.56 7.68 -15.92
C ARG A 20 26.62 7.81 -17.43
N ASP A 21 25.80 7.04 -18.15
CA ASP A 21 25.81 7.09 -19.60
C ASP A 21 24.42 7.09 -20.22
N ARG A 22 23.42 7.41 -19.41
CA ARG A 22 22.05 7.44 -19.89
C ARG A 22 21.23 8.17 -18.84
N ALA A 23 20.02 8.57 -19.22
CA ALA A 23 19.13 9.24 -18.29
C ALA A 23 17.92 8.34 -18.08
N LEU A 24 17.45 8.26 -16.86
CA LEU A 24 16.28 7.45 -16.53
C LEU A 24 15.11 8.40 -16.26
N ASP A 25 14.01 8.22 -16.99
CA ASP A 25 12.87 9.10 -16.82
C ASP A 25 12.15 8.85 -15.50
N LEU A 26 11.84 9.93 -14.79
CA LEU A 26 11.15 9.83 -13.50
C LEU A 26 9.68 10.18 -13.67
N ASP A 27 9.13 9.83 -14.84
CA ASP A 27 7.74 10.06 -15.19
C ASP A 27 6.88 9.06 -14.44
N ARG A 28 7.55 8.10 -13.81
CA ARG A 28 6.90 7.08 -13.02
C ARG A 28 7.92 6.66 -11.97
N VAL A 29 7.45 6.04 -10.91
CA VAL A 29 8.33 5.62 -9.84
C VAL A 29 9.35 4.58 -10.27
N ARG A 30 10.60 4.78 -9.88
CA ARG A 30 11.68 3.87 -10.22
C ARG A 30 12.17 3.19 -8.94
N LEU A 31 12.54 1.92 -9.07
CA LEU A 31 12.97 1.14 -7.93
C LEU A 31 14.43 0.76 -7.91
N LEU A 32 15.06 0.96 -6.75
CA LEU A 32 16.44 0.56 -6.55
C LEU A 32 16.33 -0.72 -5.73
N GLY A 33 16.60 -1.85 -6.36
CA GLY A 33 16.50 -3.14 -5.68
C GLY A 33 17.75 -3.41 -4.85
N VAL A 34 17.56 -3.69 -3.58
CA VAL A 34 18.68 -3.96 -2.69
C VAL A 34 19.28 -5.35 -2.79
N LEU A 35 20.61 -5.38 -2.96
CA LEU A 35 21.36 -6.62 -3.04
C LEU A 35 22.50 -6.46 -2.03
N ASN A 36 22.26 -6.91 -0.80
CA ASN A 36 23.26 -6.80 0.26
C ASN A 36 24.20 -8.01 0.25
N LEU A 37 25.50 -7.73 0.24
CA LEU A 37 26.50 -8.78 0.20
C LEU A 37 27.33 -8.86 1.47
N THR A 38 26.69 -8.63 2.61
CA THR A 38 27.36 -8.68 3.90
C THR A 38 26.99 -9.97 4.63
N PRO A 39 27.74 -10.34 5.69
CA PRO A 39 27.46 -11.56 6.45
C PRO A 39 26.02 -11.66 6.90
N ARG A 53 25.38 -17.85 -6.78
CA ARG A 53 25.67 -16.65 -7.55
C ARG A 53 24.98 -15.40 -7.02
N ALA A 54 25.35 -14.27 -7.58
CA ALA A 54 24.77 -12.97 -7.22
C ALA A 54 24.18 -12.49 -8.53
N LEU A 55 24.65 -13.09 -9.62
CA LEU A 55 24.20 -12.78 -10.96
C LEU A 55 22.76 -13.25 -11.06
N GLU A 56 22.48 -14.38 -10.42
CA GLU A 56 21.14 -14.97 -10.41
C GLU A 56 20.13 -14.04 -9.75
N ARG A 57 20.37 -13.72 -8.49
CA ARG A 57 19.48 -12.83 -7.74
C ARG A 57 19.30 -11.51 -8.48
N ALA A 58 20.39 -11.03 -9.09
CA ALA A 58 20.33 -9.79 -9.84
C ALA A 58 19.38 -9.98 -11.00
N ARG A 59 19.49 -11.13 -11.66
CA ARG A 59 18.62 -11.46 -12.78
C ARG A 59 17.17 -11.48 -12.30
N GLU A 60 16.96 -12.05 -11.11
CA GLU A 60 15.62 -12.14 -10.53
C GLU A 60 15.06 -10.75 -10.27
N MET A 61 15.83 -9.90 -9.61
CA MET A 61 15.36 -8.55 -9.30
C MET A 61 15.06 -7.74 -10.56
N VAL A 62 15.89 -7.90 -11.59
CA VAL A 62 15.64 -7.17 -12.83
C VAL A 62 14.32 -7.64 -13.43
N ALA A 63 14.11 -8.96 -13.40
CA ALA A 63 12.89 -9.55 -13.93
C ALA A 63 11.68 -9.08 -13.12
N GLU A 64 11.90 -8.82 -11.83
CA GLU A 64 10.84 -8.36 -10.95
C GLU A 64 10.45 -6.90 -11.12
N GLY A 65 11.28 -6.14 -11.82
CA GLY A 65 10.95 -4.74 -12.06
C GLY A 65 11.92 -3.70 -11.51
N ALA A 66 13.10 -4.13 -11.06
CA ALA A 66 14.07 -3.19 -10.52
C ALA A 66 14.67 -2.36 -11.66
N ASP A 67 14.72 -1.05 -11.47
CA ASP A 67 15.26 -0.16 -12.49
C ASP A 67 16.76 0.05 -12.29
N ILE A 68 17.17 -0.06 -11.03
CA ILE A 68 18.57 0.10 -10.65
C ILE A 68 18.87 -0.98 -9.62
N LEU A 69 20.09 -1.52 -9.65
CA LEU A 69 20.47 -2.55 -8.69
C LEU A 69 21.40 -1.89 -7.67
N ASP A 70 21.02 -1.94 -6.41
CA ASP A 70 21.81 -1.33 -5.35
C ASP A 70 22.65 -2.37 -4.64
N LEU A 71 23.97 -2.26 -4.79
CA LEU A 71 24.90 -3.20 -4.19
C LEU A 71 25.71 -2.55 -3.07
N GLY A 72 25.68 -3.17 -1.89
CA GLY A 72 26.42 -2.65 -0.75
C GLY A 72 26.97 -3.79 0.07
N ALA A 73 28.23 -3.69 0.46
CA ALA A 73 28.86 -4.73 1.26
C ALA A 73 29.28 -4.23 2.65
N GLU A 74 28.61 -3.17 3.11
CA GLU A 74 28.92 -2.61 4.43
C GLU A 74 28.55 -3.59 5.53
N GLU A 86 40.62 -2.99 2.15
CA GLU A 86 39.78 -3.79 3.03
C GLU A 86 39.35 -5.09 2.40
N GLU A 87 38.45 -5.78 3.10
CA GLU A 87 37.90 -7.03 2.64
C GLU A 87 36.62 -6.68 1.87
N GLU A 88 36.15 -5.45 2.07
CA GLU A 88 34.95 -4.95 1.41
C GLU A 88 35.12 -5.00 -0.11
N LYS A 89 36.37 -4.96 -0.56
CA LYS A 89 36.67 -5.01 -1.99
C LYS A 89 36.48 -6.42 -2.57
N ARG A 90 37.11 -7.41 -1.95
CA ARG A 90 37.01 -8.78 -2.43
C ARG A 90 35.57 -9.29 -2.42
N ARG A 91 34.74 -8.74 -1.54
CA ARG A 91 33.34 -9.15 -1.45
C ARG A 91 32.45 -8.46 -2.46
N LEU A 92 32.73 -7.18 -2.72
CA LEU A 92 31.93 -6.38 -3.64
C LEU A 92 32.37 -6.42 -5.11
N LEU A 93 33.61 -6.03 -5.37
CA LEU A 93 34.13 -5.98 -6.73
C LEU A 93 33.83 -7.19 -7.62
N PRO A 94 34.18 -8.41 -7.16
CA PRO A 94 33.91 -9.61 -7.97
C PRO A 94 32.43 -9.72 -8.37
N VAL A 95 31.56 -9.39 -7.43
CA VAL A 95 30.12 -9.45 -7.67
C VAL A 95 29.67 -8.30 -8.56
N LEU A 96 30.15 -7.10 -8.24
CA LEU A 96 29.81 -5.90 -9.01
C LEU A 96 30.12 -6.07 -10.49
N GLU A 97 31.27 -6.66 -10.80
CA GLU A 97 31.65 -6.85 -12.20
C GLU A 97 30.66 -7.78 -12.90
N ALA A 98 30.29 -8.86 -12.25
CA ALA A 98 29.35 -9.83 -12.81
C ALA A 98 27.97 -9.21 -13.03
N VAL A 99 27.47 -8.51 -12.01
CA VAL A 99 26.16 -7.88 -12.09
C VAL A 99 26.11 -6.80 -13.18
N LEU A 100 27.20 -6.06 -13.34
CA LEU A 100 27.26 -4.99 -14.34
C LEU A 100 27.04 -5.49 -15.76
N SER A 101 27.35 -6.76 -16.01
CA SER A 101 27.19 -7.33 -17.35
C SER A 101 25.74 -7.44 -17.81
N LEU A 102 24.80 -7.22 -16.89
CA LEU A 102 23.38 -7.31 -17.23
C LEU A 102 22.92 -6.10 -18.03
N GLY A 103 23.70 -5.02 -17.96
CA GLY A 103 23.35 -3.81 -18.69
C GLY A 103 22.44 -2.88 -17.90
N VAL A 104 22.06 -3.29 -16.70
CA VAL A 104 21.18 -2.49 -15.85
C VAL A 104 22.03 -1.57 -14.96
N PRO A 105 21.55 -0.34 -14.71
CA PRO A 105 22.32 0.59 -13.86
C PRO A 105 22.55 0.01 -12.47
N VAL A 106 23.76 0.21 -11.96
CA VAL A 106 24.11 -0.27 -10.63
C VAL A 106 24.51 0.87 -9.70
N SER A 107 23.93 0.86 -8.51
CA SER A 107 24.23 1.86 -7.49
C SER A 107 25.12 1.16 -6.47
N VAL A 108 26.15 1.84 -5.99
CA VAL A 108 27.04 1.24 -5.02
C VAL A 108 27.01 2.02 -3.70
N ASP A 109 26.87 1.28 -2.60
CA ASP A 109 26.85 1.87 -1.27
C ASP A 109 28.15 1.53 -0.55
N THR A 110 28.90 2.55 -0.15
CA THR A 110 30.17 2.32 0.54
C THR A 110 30.66 3.60 1.21
N ARG A 111 31.36 3.46 2.34
CA ARG A 111 31.89 4.61 3.06
C ARG A 111 33.35 4.88 2.67
N LYS A 112 33.99 3.85 2.13
CA LYS A 112 35.39 3.93 1.75
C LYS A 112 35.64 4.36 0.30
N PRO A 113 36.34 5.48 0.10
CA PRO A 113 36.64 5.99 -1.25
C PRO A 113 37.42 4.98 -2.08
N GLU A 114 38.26 4.19 -1.43
CA GLU A 114 39.05 3.17 -2.11
C GLU A 114 38.14 2.19 -2.83
N VAL A 115 37.05 1.81 -2.17
CA VAL A 115 36.10 0.87 -2.74
C VAL A 115 35.24 1.57 -3.80
N ALA A 116 34.87 2.81 -3.52
CA ALA A 116 34.06 3.59 -4.44
C ALA A 116 34.79 3.80 -5.76
N GLU A 117 36.07 4.12 -5.69
CA GLU A 117 36.85 4.35 -6.89
C GLU A 117 36.95 3.11 -7.76
N GLU A 118 37.17 1.96 -7.13
CA GLU A 118 37.27 0.71 -7.87
C GLU A 118 35.92 0.33 -8.46
N ALA A 119 34.85 0.66 -7.74
CA ALA A 119 33.50 0.37 -8.21
C ALA A 119 33.17 1.26 -9.40
N LEU A 120 33.55 2.53 -9.31
CA LEU A 120 33.29 3.46 -10.39
C LEU A 120 34.15 3.14 -11.60
N LYS A 121 35.39 2.72 -11.36
CA LYS A 121 36.27 2.37 -12.45
C LYS A 121 35.74 1.12 -13.17
N LEU A 122 34.99 0.30 -12.46
CA LEU A 122 34.41 -0.90 -13.05
C LEU A 122 33.17 -0.55 -13.87
N GLY A 123 32.57 0.61 -13.57
CA GLY A 123 31.40 1.03 -14.32
C GLY A 123 30.13 1.35 -13.56
N ALA A 124 30.18 1.36 -12.22
CA ALA A 124 28.98 1.67 -11.43
C ALA A 124 28.35 2.98 -11.90
N HIS A 125 27.02 3.04 -11.88
CA HIS A 125 26.31 4.22 -12.36
C HIS A 125 25.85 5.26 -11.35
N LEU A 126 25.81 4.89 -10.07
CA LEU A 126 25.37 5.83 -9.04
C LEU A 126 26.15 5.60 -7.77
N LEU A 127 26.58 6.69 -7.14
CA LEU A 127 27.34 6.58 -5.90
C LEU A 127 26.42 6.90 -4.74
N ASN A 128 26.10 5.88 -3.95
CA ASN A 128 25.21 6.07 -2.80
C ASN A 128 26.06 6.31 -1.57
N ASP A 129 25.64 7.24 -0.72
CA ASP A 129 26.42 7.51 0.48
C ASP A 129 25.88 6.83 1.72
N VAL A 130 26.71 6.78 2.74
CA VAL A 130 26.36 6.17 4.01
C VAL A 130 26.91 7.06 5.11
N THR A 131 27.31 8.27 4.72
CA THR A 131 27.87 9.23 5.67
C THR A 131 27.36 10.65 5.44
N GLY A 132 26.54 10.83 4.41
CA GLY A 132 26.02 12.15 4.12
C GLY A 132 26.87 12.93 3.12
N LEU A 133 27.75 12.21 2.43
CA LEU A 133 28.64 12.82 1.45
C LEU A 133 29.52 13.88 2.10
N ARG A 134 29.94 13.62 3.33
CA ARG A 134 30.80 14.56 4.05
C ARG A 134 32.25 14.47 3.58
N ASP A 135 32.63 13.30 3.07
CA ASP A 135 33.99 13.08 2.59
C ASP A 135 34.20 13.73 1.22
N GLU A 136 35.11 14.70 1.16
CA GLU A 136 35.38 15.39 -0.10
C GLU A 136 35.94 14.44 -1.15
N ARG A 137 36.56 13.36 -0.70
CA ARG A 137 37.13 12.36 -1.61
C ARG A 137 36.03 11.71 -2.45
N MET A 138 34.88 11.45 -1.83
CA MET A 138 33.76 10.84 -2.54
C MET A 138 33.21 11.85 -3.55
N VAL A 139 33.14 13.10 -3.15
CA VAL A 139 32.65 14.17 -4.00
C VAL A 139 33.51 14.25 -5.26
N ALA A 140 34.81 14.16 -5.07
CA ALA A 140 35.77 14.24 -6.18
C ALA A 140 35.64 13.06 -7.14
N LEU A 141 35.42 11.87 -6.58
CA LEU A 141 35.28 10.68 -7.40
C LEU A 141 34.04 10.76 -8.29
N ALA A 142 32.93 11.17 -7.70
CA ALA A 142 31.67 11.31 -8.44
C ALA A 142 31.81 12.27 -9.61
N ALA A 143 32.44 13.42 -9.37
CA ALA A 143 32.61 14.41 -10.42
C ALA A 143 33.59 13.94 -11.49
N ARG A 144 34.64 13.25 -11.07
CA ARG A 144 35.66 12.74 -12.00
C ARG A 144 35.12 11.65 -12.91
N HIS A 145 34.25 10.79 -12.36
CA HIS A 145 33.68 9.70 -13.13
C HIS A 145 32.37 10.10 -13.81
N GLY A 146 31.93 11.32 -13.57
CA GLY A 146 30.71 11.81 -14.17
C GLY A 146 29.45 11.10 -13.70
N VAL A 147 29.40 10.74 -12.42
CA VAL A 147 28.22 10.05 -11.90
C VAL A 147 27.50 10.88 -10.84
N ALA A 148 26.18 10.70 -10.77
CA ALA A 148 25.37 11.40 -9.79
C ALA A 148 25.67 10.79 -8.43
N ALA A 149 25.44 11.55 -7.38
CA ALA A 149 25.70 11.06 -6.02
C ALA A 149 24.50 11.31 -5.12
N VAL A 150 24.28 10.36 -4.22
CA VAL A 150 23.19 10.47 -3.26
C VAL A 150 23.70 11.13 -2.00
N VAL A 151 22.91 12.06 -1.48
CA VAL A 151 23.25 12.74 -0.23
C VAL A 151 22.17 12.28 0.73
N MET A 152 22.54 11.44 1.69
CA MET A 152 21.58 10.94 2.67
C MET A 152 21.82 11.61 4.01
N HIS A 153 20.77 12.12 4.64
CA HIS A 153 20.96 12.78 5.91
C HIS A 153 21.12 11.87 7.10
N MET A 154 22.08 12.25 7.95
CA MET A 154 22.37 11.59 9.21
C MET A 154 23.05 12.69 10.01
N PRO A 155 22.70 12.83 11.29
CA PRO A 155 23.25 13.86 12.18
C PRO A 155 24.77 13.79 12.29
N VAL A 156 25.31 12.58 12.30
CA VAL A 156 26.74 12.34 12.35
C VAL A 156 26.97 11.08 11.52
N PRO A 157 28.15 10.97 10.90
CA PRO A 157 28.48 9.81 10.06
C PRO A 157 28.62 8.47 10.79
N ASP A 158 29.09 8.51 12.02
CA ASP A 158 29.27 7.28 12.79
C ASP A 158 27.95 6.68 13.27
N PRO A 159 27.66 5.49 12.71
CA PRO A 159 26.41 4.77 12.94
C PRO A 159 26.24 4.36 14.40
N ALA A 160 27.36 4.36 15.13
CA ALA A 160 27.33 3.90 16.52
C ALA A 160 27.03 5.03 17.50
N THR A 161 27.06 6.27 16.98
CA THR A 161 26.83 7.40 17.86
C THR A 161 25.64 8.27 17.43
N MET A 162 25.11 7.99 16.23
CA MET A 162 24.11 8.90 15.69
C MET A 162 22.80 8.93 16.48
N MET A 163 22.45 7.81 17.15
CA MET A 163 21.23 7.83 17.95
C MET A 163 21.40 8.75 19.17
N ALA A 164 22.64 9.15 19.45
CA ALA A 164 22.91 10.04 20.56
C ALA A 164 22.80 11.48 20.07
N HIS A 165 22.54 11.62 18.77
CA HIS A 165 22.42 12.93 18.13
C HIS A 165 21.06 13.13 17.46
N ALA A 166 20.02 12.56 18.06
CA ALA A 166 18.67 12.70 17.52
C ALA A 166 17.90 13.67 18.41
N ARG A 167 18.36 14.92 18.45
CA ARG A 167 17.76 15.94 19.30
C ARG A 167 17.46 17.24 18.56
N TYR A 168 16.97 17.11 17.34
CA TYR A 168 16.66 18.26 16.50
C TYR A 168 15.62 19.21 17.07
N ARG A 169 15.86 20.52 16.91
CA ARG A 169 14.91 21.52 17.35
C ARG A 169 13.75 21.49 16.34
N ASP A 170 14.10 21.30 15.08
CA ASP A 170 13.11 21.22 13.99
C ASP A 170 13.75 20.30 12.95
N VAL A 171 13.49 19.00 13.08
CA VAL A 171 14.09 18.03 12.18
C VAL A 171 13.85 18.28 10.68
N VAL A 172 12.64 18.67 10.30
CA VAL A 172 12.37 18.91 8.89
C VAL A 172 13.24 20.07 8.38
N ALA A 173 13.24 21.17 9.11
CA ALA A 173 14.05 22.33 8.70
C ALA A 173 15.54 22.01 8.66
N GLU A 174 16.03 21.31 9.68
CA GLU A 174 17.45 20.98 9.74
C GLU A 174 17.88 19.97 8.67
N VAL A 175 17.02 19.01 8.37
CA VAL A 175 17.36 18.04 7.34
C VAL A 175 17.36 18.74 5.98
N LYS A 176 16.38 19.60 5.75
CA LYS A 176 16.31 20.32 4.48
C LYS A 176 17.57 21.18 4.31
N ALA A 177 17.98 21.84 5.37
CA ALA A 177 19.18 22.69 5.32
C ALA A 177 20.45 21.89 5.01
N PHE A 178 20.59 20.74 5.65
CA PHE A 178 21.75 19.88 5.44
C PHE A 178 21.78 19.36 4.00
N LEU A 179 20.65 18.85 3.53
CA LEU A 179 20.57 18.32 2.18
C LEU A 179 20.88 19.36 1.12
N GLU A 180 20.28 20.54 1.22
CA GLU A 180 20.52 21.58 0.24
C GLU A 180 21.97 22.05 0.26
N ALA A 181 22.56 22.14 1.46
CA ALA A 181 23.94 22.58 1.59
C ALA A 181 24.89 21.59 0.93
N GLN A 182 24.70 20.30 1.21
CA GLN A 182 25.55 19.27 0.64
C GLN A 182 25.34 19.20 -0.87
N ALA A 183 24.13 19.51 -1.31
CA ALA A 183 23.81 19.49 -2.73
C ALA A 183 24.59 20.59 -3.45
N ARG A 184 24.57 21.79 -2.89
CA ARG A 184 25.29 22.92 -3.47
C ARG A 184 26.78 22.61 -3.55
N ARG A 185 27.32 22.09 -2.45
CA ARG A 185 28.73 21.73 -2.36
C ARG A 185 29.12 20.72 -3.44
N ALA A 186 28.31 19.67 -3.58
CA ALA A 186 28.58 18.63 -4.55
C ALA A 186 28.49 19.13 -6.00
N LEU A 187 27.45 19.89 -6.29
CA LEU A 187 27.24 20.41 -7.64
C LEU A 187 28.33 21.39 -8.04
N SER A 188 28.74 22.23 -7.10
CA SER A 188 29.79 23.22 -7.37
C SER A 188 31.14 22.54 -7.61
N ALA A 189 31.30 21.34 -7.08
CA ALA A 189 32.55 20.60 -7.21
C ALA A 189 32.62 19.74 -8.47
N GLY A 190 31.57 19.76 -9.28
CA GLY A 190 31.59 18.98 -10.50
C GLY A 190 30.63 17.81 -10.60
N VAL A 191 29.98 17.45 -9.49
CA VAL A 191 29.03 16.34 -9.51
C VAL A 191 27.89 16.74 -10.47
N PRO A 192 27.59 15.87 -11.46
CA PRO A 192 26.53 16.15 -12.45
C PRO A 192 25.12 16.32 -11.91
N GLN A 193 24.78 15.54 -10.89
CA GLN A 193 23.45 15.61 -10.32
C GLN A 193 23.49 15.02 -8.91
N VAL A 194 22.59 15.49 -8.05
CA VAL A 194 22.51 15.02 -6.68
C VAL A 194 21.12 14.49 -6.38
N VAL A 195 21.07 13.36 -5.67
CA VAL A 195 19.81 12.75 -5.26
C VAL A 195 19.75 12.94 -3.76
N LEU A 196 18.64 13.46 -3.25
CA LEU A 196 18.50 13.68 -1.82
C LEU A 196 17.71 12.57 -1.15
N ASP A 197 18.22 12.10 -0.01
CA ASP A 197 17.58 11.02 0.76
C ASP A 197 17.52 11.53 2.21
N PRO A 198 16.31 11.64 2.79
CA PRO A 198 16.19 12.12 4.17
C PRO A 198 16.82 11.21 5.22
N GLY A 199 17.24 10.02 4.81
CA GLY A 199 17.87 9.10 5.75
C GLY A 199 16.98 8.59 6.86
N PHE A 200 15.85 8.00 6.50
CA PHE A 200 14.96 7.47 7.51
C PHE A 200 15.70 6.41 8.32
N GLY A 201 15.53 6.46 9.63
CA GLY A 201 16.17 5.48 10.48
C GLY A 201 17.64 5.75 10.79
N PHE A 202 18.13 6.92 10.39
CA PHE A 202 19.52 7.29 10.66
C PHE A 202 19.55 8.45 11.65
N GLY A 203 19.80 8.16 12.93
CA GLY A 203 19.86 9.19 13.94
C GLY A 203 18.53 9.92 14.08
N LYS A 204 17.45 9.15 14.01
CA LYS A 204 16.11 9.70 14.08
C LYS A 204 15.15 8.88 14.93
N LEU A 205 14.44 9.55 15.82
CA LEU A 205 13.44 8.89 16.66
C LEU A 205 12.20 8.69 15.78
N LEU A 206 11.26 7.89 16.24
CA LEU A 206 10.02 7.68 15.48
C LEU A 206 9.37 9.04 15.22
N GLU A 207 9.37 9.90 16.22
CA GLU A 207 8.78 11.23 16.07
C GLU A 207 9.40 11.99 14.90
N HIS A 208 10.70 11.81 14.70
CA HIS A 208 11.42 12.48 13.61
C HIS A 208 11.09 11.86 12.27
N ASN A 209 11.07 10.53 12.21
CA ASN A 209 10.76 9.86 10.96
C ASN A 209 9.34 10.22 10.53
N LEU A 210 8.43 10.28 11.50
CA LEU A 210 7.04 10.63 11.20
C LEU A 210 6.95 12.06 10.65
N ALA A 211 7.64 13.00 11.29
CA ALA A 211 7.60 14.39 10.85
C ALA A 211 8.13 14.51 9.42
N LEU A 212 9.23 13.84 9.13
CA LEU A 212 9.83 13.88 7.80
C LEU A 212 8.92 13.30 6.73
N LEU A 213 8.26 12.20 7.06
CA LEU A 213 7.35 11.56 6.12
C LEU A 213 6.15 12.45 5.82
N ARG A 214 5.56 12.99 6.88
CA ARG A 214 4.38 13.86 6.74
C ARG A 214 4.65 15.13 5.94
N ARG A 215 5.90 15.59 5.94
CA ARG A 215 6.25 16.81 5.22
C ARG A 215 7.28 16.51 4.13
N LEU A 216 7.26 15.29 3.61
CA LEU A 216 8.20 14.89 2.58
C LEU A 216 8.11 15.77 1.34
N ASP A 217 6.93 16.32 1.07
CA ASP A 217 6.74 17.19 -0.08
C ASP A 217 7.67 18.40 -0.02
N GLU A 218 8.03 18.80 1.20
CA GLU A 218 8.92 19.93 1.38
C GLU A 218 10.34 19.62 0.95
N ILE A 219 10.72 18.35 1.01
CA ILE A 219 12.05 17.94 0.59
C ILE A 219 12.03 17.81 -0.93
N VAL A 220 10.92 17.30 -1.47
CA VAL A 220 10.77 17.15 -2.91
C VAL A 220 10.84 18.54 -3.54
N ALA A 221 10.29 19.53 -2.82
CA ALA A 221 10.27 20.90 -3.31
C ALA A 221 11.66 21.53 -3.52
N LEU A 222 12.70 20.87 -3.00
CA LEU A 222 14.05 21.40 -3.15
C LEU A 222 14.55 21.30 -4.60
N GLY A 223 13.80 20.58 -5.43
CA GLY A 223 14.16 20.47 -6.84
C GLY A 223 15.01 19.30 -7.31
N HIS A 224 15.62 18.57 -6.39
CA HIS A 224 16.47 17.45 -6.74
C HIS A 224 15.65 16.16 -6.66
N PRO A 225 16.09 15.10 -7.36
CA PRO A 225 15.33 13.85 -7.26
C PRO A 225 15.44 13.36 -5.82
N VAL A 226 14.34 12.89 -5.25
CA VAL A 226 14.35 12.40 -3.89
C VAL A 226 14.26 10.88 -3.86
N LEU A 227 15.08 10.28 -2.99
CA LEU A 227 15.10 8.84 -2.81
C LEU A 227 14.75 8.54 -1.36
N VAL A 228 13.89 7.57 -1.14
CA VAL A 228 13.55 7.19 0.23
C VAL A 228 13.66 5.68 0.34
N GLY A 229 14.04 5.23 1.53
CA GLY A 229 14.18 3.81 1.76
C GLY A 229 13.70 3.47 3.16
N LEU A 230 12.48 2.98 3.26
CA LEU A 230 11.91 2.61 4.56
C LEU A 230 11.73 1.10 4.65
N SER A 231 12.21 0.38 3.65
CA SER A 231 12.05 -1.08 3.65
C SER A 231 12.62 -1.73 4.91
N ARG A 232 11.75 -2.48 5.59
CA ARG A 232 12.07 -3.22 6.80
C ARG A 232 12.65 -2.41 7.94
N LYS A 233 12.49 -1.09 7.87
CA LYS A 233 13.02 -0.21 8.91
C LYS A 233 12.24 -0.27 10.22
N ARG A 234 12.86 0.18 11.30
CA ARG A 234 12.21 0.18 12.59
C ARG A 234 10.89 0.96 12.58
N THR A 235 10.86 2.07 11.86
CA THR A 235 9.63 2.86 11.77
C THR A 235 8.48 1.97 11.31
N ILE A 236 8.75 1.12 10.33
CA ILE A 236 7.73 0.23 9.81
C ILE A 236 7.32 -0.80 10.87
N GLY A 237 8.30 -1.33 11.58
CA GLY A 237 7.99 -2.31 12.61
C GLY A 237 7.13 -1.69 13.70
N GLU A 238 7.48 -0.46 14.08
CA GLU A 238 6.76 0.25 15.12
C GLU A 238 5.30 0.55 14.76
N LEU A 239 5.09 1.08 13.57
CA LEU A 239 3.75 1.43 13.14
C LEU A 239 2.86 0.28 12.71
N SER A 240 3.47 -0.79 12.18
CA SER A 240 2.69 -1.94 11.70
C SER A 240 2.59 -3.07 12.72
N GLY A 241 3.39 -2.99 13.78
CA GLY A 241 3.39 -4.01 14.80
C GLY A 241 4.02 -5.32 14.37
N VAL A 242 5.04 -5.25 13.53
CA VAL A 242 5.74 -6.44 13.06
C VAL A 242 7.17 -6.45 13.58
N GLU A 243 7.47 -7.41 14.46
CA GLU A 243 8.79 -7.51 15.07
C GLU A 243 9.89 -8.04 14.15
N ASP A 244 9.55 -9.02 13.31
CA ASP A 244 10.53 -9.59 12.39
C ASP A 244 10.73 -8.66 11.18
N PRO A 245 11.96 -8.12 11.03
CA PRO A 245 12.29 -7.21 9.93
C PRO A 245 12.00 -7.76 8.54
N ALA A 246 12.14 -9.08 8.38
CA ALA A 246 11.91 -9.72 7.10
C ALA A 246 10.42 -9.88 6.75
N GLN A 247 9.55 -9.56 7.69
CA GLN A 247 8.11 -9.70 7.48
C GLN A 247 7.39 -8.35 7.42
N ARG A 248 8.13 -7.29 7.09
CA ARG A 248 7.52 -5.95 7.06
C ARG A 248 7.13 -5.41 5.69
N VAL A 249 6.95 -6.27 4.71
CA VAL A 249 6.62 -5.79 3.37
C VAL A 249 5.34 -4.96 3.26
N HIS A 250 4.27 -5.34 3.95
CA HIS A 250 3.04 -4.58 3.81
C HIS A 250 3.14 -3.17 4.40
N GLY A 251 3.81 -3.03 5.54
CA GLY A 251 3.96 -1.69 6.09
C GLY A 251 4.93 -0.87 5.26
N SER A 252 5.94 -1.52 4.68
CA SER A 252 6.91 -0.83 3.85
C SER A 252 6.24 -0.30 2.58
N VAL A 253 5.40 -1.14 1.97
CA VAL A 253 4.71 -0.71 0.76
C VAL A 253 3.80 0.47 1.09
N ALA A 254 3.12 0.41 2.23
CA ALA A 254 2.24 1.50 2.62
C ALA A 254 3.02 2.81 2.80
N ALA A 255 4.17 2.75 3.47
CA ALA A 255 4.96 3.96 3.68
C ALA A 255 5.48 4.51 2.36
N HIS A 256 5.88 3.60 1.48
CA HIS A 256 6.41 4.01 0.20
C HIS A 256 5.33 4.60 -0.70
N LEU A 257 4.11 4.06 -0.64
CA LEU A 257 3.05 4.64 -1.46
C LEU A 257 2.76 6.04 -0.94
N PHE A 258 2.88 6.24 0.37
CA PHE A 258 2.64 7.57 0.94
C PHE A 258 3.73 8.52 0.42
N ALA A 259 4.97 8.05 0.37
CA ALA A 259 6.07 8.87 -0.13
C ALA A 259 5.82 9.23 -1.59
N VAL A 260 5.31 8.28 -2.35
CA VAL A 260 5.03 8.52 -3.78
C VAL A 260 3.95 9.59 -3.90
N MET A 261 2.94 9.51 -3.05
CA MET A 261 1.87 10.49 -3.06
C MET A 261 2.45 11.88 -2.77
N LYS A 262 3.47 11.92 -1.93
CA LYS A 262 4.14 13.16 -1.57
C LYS A 262 5.08 13.67 -2.66
N GLY A 263 5.27 12.87 -3.72
CA GLY A 263 6.13 13.32 -4.81
C GLY A 263 7.42 12.57 -5.07
N VAL A 264 7.73 11.57 -4.25
CA VAL A 264 8.94 10.79 -4.41
C VAL A 264 8.83 9.84 -5.59
N ARG A 265 9.90 9.77 -6.40
CA ARG A 265 9.90 8.91 -7.58
C ARG A 265 11.03 7.88 -7.59
N LEU A 266 11.76 7.78 -6.47
CA LEU A 266 12.85 6.81 -6.32
C LEU A 266 12.70 6.11 -4.98
N LEU A 267 12.58 4.78 -5.01
CA LEU A 267 12.42 4.00 -3.79
C LEU A 267 13.48 2.90 -3.68
N ARG A 268 14.11 2.79 -2.52
CA ARG A 268 15.11 1.74 -2.28
C ARG A 268 14.33 0.65 -1.57
N VAL A 269 14.18 -0.50 -2.22
CA VAL A 269 13.38 -1.58 -1.64
C VAL A 269 14.00 -2.97 -1.68
N HIS A 270 13.54 -3.84 -0.77
CA HIS A 270 14.01 -5.21 -0.74
C HIS A 270 13.06 -6.09 -1.55
N ASP A 271 11.77 -5.85 -1.39
CA ASP A 271 10.73 -6.61 -2.08
C ASP A 271 10.34 -5.88 -3.35
N VAL A 272 11.08 -6.14 -4.42
CA VAL A 272 10.86 -5.47 -5.71
C VAL A 272 9.51 -5.80 -6.31
N ARG A 273 9.19 -7.08 -6.44
CA ARG A 273 7.93 -7.49 -7.02
C ARG A 273 6.72 -6.88 -6.30
N ALA A 274 6.72 -6.93 -4.97
CA ALA A 274 5.63 -6.37 -4.19
C ALA A 274 5.39 -4.90 -4.53
N HIS A 275 6.48 -4.15 -4.65
CA HIS A 275 6.34 -2.74 -4.98
C HIS A 275 5.88 -2.52 -6.42
N ARG A 276 6.37 -3.33 -7.36
CA ARG A 276 5.95 -3.19 -8.74
C ARG A 276 4.45 -3.46 -8.84
N GLU A 277 3.98 -4.49 -8.13
CA GLU A 277 2.56 -4.82 -8.12
C GLU A 277 1.72 -3.69 -7.52
N ALA A 278 2.16 -3.16 -6.38
CA ALA A 278 1.44 -2.09 -5.72
C ALA A 278 1.42 -0.83 -6.59
N LEU A 279 2.57 -0.49 -7.19
CA LEU A 279 2.65 0.70 -8.02
C LEU A 279 1.81 0.58 -9.28
N GLY A 280 1.67 -0.64 -9.79
CA GLY A 280 0.87 -0.83 -10.99
C GLY A 280 -0.53 -0.30 -10.74
N VAL A 281 -1.04 -0.56 -9.55
CA VAL A 281 -2.36 -0.09 -9.17
C VAL A 281 -2.32 1.39 -8.83
N TRP A 282 -1.42 1.76 -7.91
CA TRP A 282 -1.35 3.14 -7.46
C TRP A 282 -1.17 4.17 -8.58
N GLU A 283 -0.20 3.92 -9.45
CA GLU A 283 0.08 4.87 -10.53
C GLU A 283 -1.02 4.93 -11.58
N ALA A 284 -1.79 3.86 -11.70
CA ALA A 284 -2.88 3.86 -12.66
C ALA A 284 -4.02 4.72 -12.11
N LEU A 285 -4.23 4.64 -10.79
CA LEU A 285 -5.29 5.41 -10.13
C LEU A 285 -4.91 6.87 -9.96
N TYR A 286 -3.91 7.10 -9.12
CA TYR A 286 -3.42 8.44 -8.82
C TYR A 286 -2.59 8.91 -10.01
N GLY A 287 -3.25 9.02 -11.16
CA GLY A 287 -2.56 9.46 -12.36
C GLY A 287 -3.10 8.76 -13.60
N ARG B 15 -18.59 9.97 11.87
CA ARG B 15 -19.72 9.08 11.49
C ARG B 15 -19.56 7.72 12.18
N THR B 16 -20.65 6.96 12.22
CA THR B 16 -20.61 5.65 12.86
C THR B 16 -21.43 4.66 12.04
N LEU B 17 -21.16 3.36 12.25
CA LEU B 17 -21.88 2.31 11.55
C LEU B 17 -22.74 1.53 12.54
N TRP B 18 -24.05 1.53 12.32
CA TRP B 18 -24.95 0.80 13.21
C TRP B 18 -24.86 -0.69 12.93
N LEU B 19 -24.67 -1.49 13.99
CA LEU B 19 -24.58 -2.93 13.86
C LEU B 19 -25.58 -3.66 14.75
N ARG B 20 -26.86 -3.43 14.47
CA ARG B 20 -27.97 -4.05 15.20
C ARG B 20 -28.09 -3.71 16.68
N ASP B 21 -27.06 -3.97 17.46
CA ASP B 21 -27.10 -3.69 18.89
C ASP B 21 -25.85 -2.98 19.39
N ARG B 22 -25.06 -2.45 18.47
CA ARG B 22 -23.84 -1.75 18.81
C ARG B 22 -23.50 -0.75 17.70
N ALA B 23 -22.69 0.24 18.03
CA ALA B 23 -22.29 1.25 17.06
C ALA B 23 -20.77 1.21 16.89
N LEU B 24 -20.33 1.14 15.63
CA LEU B 24 -18.90 1.09 15.35
C LEU B 24 -18.48 2.45 14.80
N ASP B 25 -17.55 3.10 15.47
CA ASP B 25 -17.07 4.41 15.04
C ASP B 25 -16.18 4.25 13.81
N LEU B 26 -16.34 5.15 12.86
CA LEU B 26 -15.56 5.11 11.63
C LEU B 26 -14.48 6.18 11.63
N ASP B 27 -13.93 6.43 12.81
CA ASP B 27 -12.86 7.41 12.98
C ASP B 27 -11.55 6.83 12.44
N ARG B 28 -11.55 5.52 12.24
CA ARG B 28 -10.40 4.80 11.71
C ARG B 28 -10.97 3.76 10.75
N VAL B 29 -10.14 3.25 9.85
CA VAL B 29 -10.62 2.26 8.89
C VAL B 29 -10.99 0.95 9.57
N ARG B 30 -12.16 0.41 9.21
CA ARG B 30 -12.65 -0.85 9.76
C ARG B 30 -12.61 -1.91 8.69
N LEU B 31 -12.28 -3.14 9.08
CA LEU B 31 -12.17 -4.24 8.14
C LEU B 31 -13.24 -5.32 8.27
N LEU B 32 -13.76 -5.74 7.13
CA LEU B 32 -14.74 -6.82 7.09
C LEU B 32 -13.96 -8.01 6.53
N GLY B 33 -13.71 -8.99 7.38
CA GLY B 33 -12.97 -10.17 6.97
C GLY B 33 -13.86 -11.13 6.20
N VAL B 34 -13.49 -11.40 4.95
CA VAL B 34 -14.27 -12.30 4.10
C VAL B 34 -14.07 -13.77 4.41
N LEU B 35 -15.18 -14.50 4.47
CA LEU B 35 -15.16 -15.94 4.72
C LEU B 35 -16.10 -16.55 3.69
N ASN B 36 -15.54 -17.01 2.58
CA ASN B 36 -16.33 -17.61 1.50
C ASN B 36 -16.65 -19.09 1.76
N LEU B 37 -17.93 -19.40 1.87
CA LEU B 37 -18.37 -20.77 2.11
C LEU B 37 -18.86 -21.44 0.82
N THR B 38 -18.14 -21.23 -0.28
CA THR B 38 -18.53 -21.83 -1.56
C THR B 38 -17.50 -22.89 -1.96
N PRO B 39 -17.94 -23.91 -2.70
CA PRO B 39 -17.05 -24.99 -3.13
C PRO B 39 -15.98 -24.50 -4.10
N PRO B 51 -18.68 -25.63 7.78
CA PRO B 51 -17.75 -26.59 8.38
C PRO B 51 -17.06 -26.06 9.64
N GLU B 52 -16.47 -26.97 10.40
CA GLU B 52 -15.77 -26.61 11.63
C GLU B 52 -14.36 -26.11 11.30
N ARG B 53 -13.99 -26.24 10.04
CA ARG B 53 -12.68 -25.81 9.56
C ARG B 53 -12.81 -24.39 9.01
N ALA B 54 -13.90 -23.73 9.37
CA ALA B 54 -14.17 -22.36 8.93
C ALA B 54 -14.36 -21.47 10.16
N LEU B 55 -14.58 -22.11 11.31
CA LEU B 55 -14.78 -21.38 12.55
C LEU B 55 -13.44 -20.88 13.07
N GLU B 56 -12.40 -21.69 12.88
CA GLU B 56 -11.06 -21.32 13.34
C GLU B 56 -10.50 -20.22 12.45
N ARG B 57 -10.98 -20.15 11.22
CA ARG B 57 -10.52 -19.13 10.28
C ARG B 57 -11.12 -17.78 10.68
N ALA B 58 -12.29 -17.83 11.30
CA ALA B 58 -12.98 -16.62 11.74
C ALA B 58 -12.23 -16.10 12.97
N ARG B 59 -11.91 -17.02 13.87
CA ARG B 59 -11.18 -16.67 15.10
C ARG B 59 -9.81 -16.17 14.67
N GLU B 60 -9.37 -16.67 13.52
CA GLU B 60 -8.07 -16.31 12.94
C GLU B 60 -8.10 -14.86 12.48
N MET B 61 -9.14 -14.49 11.73
CA MET B 61 -9.27 -13.13 11.23
C MET B 61 -9.54 -12.15 12.37
N VAL B 62 -10.30 -12.58 13.36
CA VAL B 62 -10.60 -11.74 14.52
C VAL B 62 -9.29 -11.40 15.21
N ALA B 63 -8.42 -12.40 15.32
CA ALA B 63 -7.13 -12.21 15.96
C ALA B 63 -6.25 -11.29 15.13
N GLU B 64 -6.43 -11.31 13.81
CA GLU B 64 -5.64 -10.47 12.91
C GLU B 64 -6.13 -9.03 12.83
N GLY B 65 -7.27 -8.74 13.44
CA GLY B 65 -7.76 -7.37 13.42
C GLY B 65 -9.07 -7.09 12.71
N ALA B 66 -9.79 -8.13 12.31
CA ALA B 66 -11.07 -7.93 11.63
C ALA B 66 -12.09 -7.33 12.59
N ASP B 67 -12.83 -6.33 12.12
CA ASP B 67 -13.85 -5.67 12.94
C ASP B 67 -15.20 -6.34 12.73
N ILE B 68 -15.39 -6.85 11.53
CA ILE B 68 -16.63 -7.52 11.15
C ILE B 68 -16.30 -8.75 10.31
N LEU B 69 -17.03 -9.83 10.52
CA LEU B 69 -16.82 -11.05 9.75
C LEU B 69 -17.90 -11.09 8.67
N ASP B 70 -17.47 -11.21 7.43
CA ASP B 70 -18.39 -11.22 6.29
C ASP B 70 -18.54 -12.62 5.70
N LEU B 71 -19.68 -13.26 5.98
CA LEU B 71 -19.94 -14.60 5.49
C LEU B 71 -20.89 -14.64 4.30
N GLY B 72 -20.49 -15.37 3.27
CA GLY B 72 -21.30 -15.51 2.06
C GLY B 72 -21.23 -16.93 1.55
N ALA B 73 -22.36 -17.46 1.09
CA ALA B 73 -22.42 -18.83 0.60
C ALA B 73 -22.79 -18.95 -0.89
N GLU B 74 -23.36 -17.89 -1.46
CA GLU B 74 -23.75 -17.91 -2.86
C GLU B 74 -22.71 -17.27 -3.76
N SER B 75 -22.23 -18.03 -4.73
CA SER B 75 -21.24 -17.56 -5.68
C SER B 75 -21.68 -16.25 -6.34
N PRO B 84 -26.42 -20.81 -6.46
CA PRO B 84 -26.81 -22.09 -5.86
C PRO B 84 -28.28 -22.13 -5.50
N VAL B 85 -28.80 -23.34 -5.27
CA VAL B 85 -30.21 -23.50 -4.89
C VAL B 85 -30.50 -22.69 -3.64
N GLU B 86 -31.78 -22.61 -3.25
CA GLU B 86 -32.16 -21.85 -2.07
C GLU B 86 -31.74 -22.45 -0.74
N GLU B 87 -31.67 -23.78 -0.67
CA GLU B 87 -31.28 -24.41 0.58
C GLU B 87 -29.79 -24.23 0.86
N GLU B 88 -29.30 -23.02 0.60
CA GLU B 88 -27.91 -22.68 0.85
C GLU B 88 -27.77 -22.45 2.35
N LYS B 89 -28.88 -22.63 3.05
CA LYS B 89 -28.92 -22.46 4.49
C LYS B 89 -27.96 -23.44 5.14
N ARG B 90 -27.79 -24.60 4.52
CA ARG B 90 -26.89 -25.61 5.06
C ARG B 90 -25.44 -25.15 4.95
N ARG B 91 -25.17 -24.30 3.95
CA ARG B 91 -23.84 -23.77 3.74
C ARG B 91 -23.53 -22.63 4.68
N LEU B 92 -24.56 -21.91 5.09
CA LEU B 92 -24.39 -20.76 5.95
C LEU B 92 -24.74 -20.91 7.44
N LEU B 93 -26.04 -20.89 7.74
CA LEU B 93 -26.54 -20.99 9.11
C LEU B 93 -25.70 -21.76 10.12
N PRO B 94 -25.29 -23.00 9.78
CA PRO B 94 -24.49 -23.79 10.72
C PRO B 94 -23.22 -23.04 11.14
N VAL B 95 -22.55 -22.46 10.15
CA VAL B 95 -21.33 -21.69 10.39
C VAL B 95 -21.65 -20.35 11.05
N LEU B 96 -22.71 -19.71 10.58
CA LEU B 96 -23.12 -18.42 11.12
C LEU B 96 -23.33 -18.46 12.62
N GLU B 97 -24.16 -19.39 13.09
CA GLU B 97 -24.44 -19.50 14.52
C GLU B 97 -23.14 -19.69 15.32
N ALA B 98 -22.28 -20.57 14.84
CA ALA B 98 -21.01 -20.83 15.50
C ALA B 98 -20.16 -19.57 15.55
N VAL B 99 -19.99 -18.95 14.38
CA VAL B 99 -19.20 -17.72 14.26
C VAL B 99 -19.73 -16.61 15.17
N LEU B 100 -21.05 -16.53 15.30
CA LEU B 100 -21.68 -15.51 16.13
C LEU B 100 -21.27 -15.64 17.60
N SER B 101 -20.81 -16.82 17.98
CA SER B 101 -20.41 -17.05 19.37
C SER B 101 -19.10 -16.34 19.75
N LEU B 102 -18.39 -15.85 18.75
CA LEU B 102 -17.13 -15.16 19.00
C LEU B 102 -17.37 -13.74 19.54
N GLY B 103 -18.62 -13.30 19.49
CA GLY B 103 -18.96 -11.98 19.99
C GLY B 103 -18.64 -10.84 19.03
N VAL B 104 -18.11 -11.19 17.86
CA VAL B 104 -17.76 -10.19 16.85
C VAL B 104 -18.90 -9.97 15.87
N PRO B 105 -19.13 -8.72 15.44
CA PRO B 105 -20.21 -8.42 14.50
C PRO B 105 -20.07 -9.27 13.23
N VAL B 106 -21.20 -9.74 12.71
CA VAL B 106 -21.19 -10.56 11.51
C VAL B 106 -22.10 -10.02 10.42
N SER B 107 -21.55 -9.94 9.22
CA SER B 107 -22.30 -9.47 8.05
C SER B 107 -22.63 -10.70 7.22
N VAL B 108 -23.85 -10.76 6.72
CA VAL B 108 -24.27 -11.90 5.90
C VAL B 108 -24.54 -11.46 4.47
N ASP B 109 -23.93 -12.16 3.52
CA ASP B 109 -24.10 -11.86 2.10
C ASP B 109 -25.06 -12.86 1.46
N THR B 110 -26.29 -12.43 1.21
CA THR B 110 -27.30 -13.28 0.61
C THR B 110 -28.27 -12.44 -0.22
N ARG B 111 -28.86 -13.05 -1.23
CA ARG B 111 -29.82 -12.37 -2.10
C ARG B 111 -31.23 -12.76 -1.68
N LYS B 112 -31.35 -14.00 -1.20
CA LYS B 112 -32.63 -14.57 -0.79
C LYS B 112 -33.11 -14.13 0.59
N PRO B 113 -34.30 -13.52 0.63
CA PRO B 113 -34.92 -13.05 1.87
C PRO B 113 -35.12 -14.19 2.85
N GLU B 114 -35.29 -15.40 2.31
CA GLU B 114 -35.48 -16.59 3.13
C GLU B 114 -34.23 -16.84 3.98
N VAL B 115 -33.07 -16.74 3.34
CA VAL B 115 -31.80 -16.96 4.02
C VAL B 115 -31.48 -15.83 5.00
N ALA B 116 -31.75 -14.60 4.57
CA ALA B 116 -31.50 -13.43 5.42
C ALA B 116 -32.29 -13.48 6.72
N GLU B 117 -33.60 -13.65 6.60
CA GLU B 117 -34.47 -13.71 7.76
C GLU B 117 -33.97 -14.68 8.82
N GLU B 118 -33.51 -15.85 8.37
CA GLU B 118 -32.99 -16.86 9.28
C GLU B 118 -31.68 -16.38 9.91
N ALA B 119 -30.83 -15.76 9.09
CA ALA B 119 -29.55 -15.25 9.56
C ALA B 119 -29.78 -14.13 10.57
N LEU B 120 -30.76 -13.27 10.30
CA LEU B 120 -31.07 -12.16 11.19
C LEU B 120 -31.60 -12.60 12.55
N LYS B 121 -32.54 -13.52 12.56
CA LYS B 121 -33.09 -13.97 13.84
C LYS B 121 -32.07 -14.77 14.64
N LEU B 122 -30.93 -15.05 14.00
CA LEU B 122 -29.85 -15.78 14.68
C LEU B 122 -28.91 -14.77 15.34
N GLY B 123 -28.96 -13.53 14.87
CA GLY B 123 -28.11 -12.50 15.45
C GLY B 123 -27.33 -11.64 14.47
N ALA B 124 -27.45 -11.91 13.17
CA ALA B 124 -26.73 -11.13 12.16
C ALA B 124 -26.79 -9.64 12.45
N HIS B 125 -25.69 -8.93 12.20
CA HIS B 125 -25.61 -7.50 12.48
C HIS B 125 -25.70 -6.58 11.26
N LEU B 126 -25.41 -7.13 10.10
CA LEU B 126 -25.43 -6.34 8.87
C LEU B 126 -25.92 -7.22 7.72
N LEU B 127 -26.82 -6.68 6.92
CA LEU B 127 -27.35 -7.41 5.77
C LEU B 127 -26.71 -6.88 4.50
N ASN B 128 -25.88 -7.71 3.87
CA ASN B 128 -25.20 -7.32 2.65
C ASN B 128 -25.95 -7.86 1.44
N ASP B 129 -26.80 -7.02 0.87
CA ASP B 129 -27.58 -7.39 -0.30
C ASP B 129 -26.79 -7.11 -1.57
N VAL B 130 -26.45 -8.18 -2.29
CA VAL B 130 -25.68 -8.06 -3.52
C VAL B 130 -26.51 -7.38 -4.62
N THR B 131 -27.80 -7.70 -4.66
CA THR B 131 -28.70 -7.15 -5.67
C THR B 131 -29.16 -5.71 -5.39
N GLY B 132 -28.35 -4.98 -4.62
CA GLY B 132 -28.67 -3.60 -4.30
C GLY B 132 -30.04 -3.30 -3.70
N LEU B 133 -30.51 -4.19 -2.83
CA LEU B 133 -31.81 -4.01 -2.20
C LEU B 133 -32.94 -3.70 -3.18
N ARG B 134 -32.93 -4.36 -4.34
CA ARG B 134 -33.97 -4.15 -5.32
C ARG B 134 -35.18 -4.98 -4.90
N ASP B 135 -34.96 -5.91 -3.98
CA ASP B 135 -36.00 -6.78 -3.46
C ASP B 135 -36.65 -6.13 -2.23
N GLU B 136 -37.91 -5.72 -2.39
CA GLU B 136 -38.64 -5.07 -1.29
C GLU B 136 -38.69 -5.95 -0.04
N ARG B 137 -38.62 -7.26 -0.23
CA ARG B 137 -38.65 -8.19 0.90
C ARG B 137 -37.40 -8.05 1.75
N MET B 138 -36.27 -7.77 1.11
CA MET B 138 -35.01 -7.59 1.80
C MET B 138 -35.06 -6.29 2.60
N VAL B 139 -35.65 -5.27 2.01
CA VAL B 139 -35.78 -3.98 2.66
C VAL B 139 -36.63 -4.14 3.91
N ALA B 140 -37.82 -4.72 3.75
CA ALA B 140 -38.74 -4.94 4.85
C ALA B 140 -38.05 -5.73 5.97
N LEU B 141 -37.32 -6.77 5.60
CA LEU B 141 -36.62 -7.60 6.57
C LEU B 141 -35.66 -6.79 7.44
N ALA B 142 -34.77 -6.03 6.79
CA ALA B 142 -33.80 -5.21 7.50
C ALA B 142 -34.46 -4.18 8.42
N ALA B 143 -35.54 -3.56 7.93
CA ALA B 143 -36.25 -2.56 8.72
C ALA B 143 -36.90 -3.20 9.93
N ARG B 144 -37.47 -4.39 9.73
CA ARG B 144 -38.14 -5.12 10.80
C ARG B 144 -37.17 -5.60 11.88
N HIS B 145 -35.94 -5.89 11.50
CA HIS B 145 -34.95 -6.36 12.47
C HIS B 145 -34.03 -5.25 12.98
N GLY B 146 -34.26 -4.04 12.50
CA GLY B 146 -33.44 -2.92 12.93
C GLY B 146 -31.98 -3.12 12.58
N VAL B 147 -31.73 -3.61 11.36
CA VAL B 147 -30.38 -3.84 10.91
C VAL B 147 -30.05 -3.01 9.67
N ALA B 148 -28.81 -2.52 9.61
CA ALA B 148 -28.37 -1.73 8.47
C ALA B 148 -28.23 -2.66 7.29
N ALA B 149 -28.37 -2.11 6.08
CA ALA B 149 -28.25 -2.91 4.88
C ALA B 149 -27.28 -2.26 3.91
N VAL B 150 -26.52 -3.10 3.21
CA VAL B 150 -25.56 -2.61 2.23
C VAL B 150 -26.21 -2.59 0.87
N VAL B 151 -26.10 -1.47 0.18
CA VAL B 151 -26.65 -1.36 -1.16
C VAL B 151 -25.45 -1.38 -2.10
N MET B 152 -25.30 -2.47 -2.84
CA MET B 152 -24.20 -2.59 -3.79
C MET B 152 -24.71 -2.39 -5.20
N HIS B 153 -23.93 -1.70 -6.03
CA HIS B 153 -24.36 -1.48 -7.40
C HIS B 153 -23.94 -2.58 -8.36
N MET B 154 -24.87 -2.91 -9.25
CA MET B 154 -24.66 -3.91 -10.29
C MET B 154 -25.81 -3.71 -11.27
N PRO B 155 -25.57 -3.94 -12.56
CA PRO B 155 -26.60 -3.78 -13.59
C PRO B 155 -27.91 -4.47 -13.22
N VAL B 156 -29.03 -3.85 -13.58
CA VAL B 156 -30.37 -4.36 -13.28
C VAL B 156 -30.54 -5.88 -13.31
N PRO B 157 -29.98 -6.56 -14.33
CA PRO B 157 -30.12 -8.02 -14.39
C PRO B 157 -29.93 -8.71 -13.05
N ALA B 164 -24.74 -9.44 -16.37
CA ALA B 164 -24.71 -8.00 -16.10
C ALA B 164 -23.81 -7.30 -17.11
N HIS B 165 -24.42 -6.65 -18.10
CA HIS B 165 -23.65 -5.95 -19.12
C HIS B 165 -22.93 -4.71 -18.59
N ALA B 166 -21.65 -4.60 -18.94
CA ALA B 166 -20.83 -3.47 -18.53
C ALA B 166 -20.92 -2.37 -19.58
N ARG B 167 -22.07 -1.71 -19.63
CA ARG B 167 -22.29 -0.64 -20.59
C ARG B 167 -22.95 0.53 -19.87
N TYR B 168 -22.29 1.68 -19.90
CA TYR B 168 -22.84 2.87 -19.24
C TYR B 168 -22.63 4.12 -20.08
N ARG B 169 -23.50 5.09 -19.88
CA ARG B 169 -23.40 6.37 -20.58
C ARG B 169 -22.38 7.17 -19.77
N ASP B 170 -22.48 7.05 -18.45
CA ASP B 170 -21.59 7.72 -17.51
C ASP B 170 -21.65 6.87 -16.24
N VAL B 171 -20.74 5.91 -16.12
CA VAL B 171 -20.76 5.00 -14.99
C VAL B 171 -20.78 5.65 -13.60
N VAL B 172 -19.98 6.68 -13.38
CA VAL B 172 -19.94 7.33 -12.08
C VAL B 172 -21.27 8.01 -11.77
N ALA B 173 -21.79 8.76 -12.74
CA ALA B 173 -23.06 9.46 -12.56
C ALA B 173 -24.19 8.47 -12.32
N GLU B 174 -24.18 7.38 -13.09
CA GLU B 174 -25.22 6.37 -12.96
C GLU B 174 -25.15 5.56 -11.66
N VAL B 175 -23.95 5.21 -11.23
CA VAL B 175 -23.79 4.47 -10.00
C VAL B 175 -24.17 5.35 -8.80
N LYS B 176 -23.75 6.62 -8.85
CA LYS B 176 -24.06 7.55 -7.77
C LYS B 176 -25.58 7.68 -7.64
N ALA B 177 -26.25 7.89 -8.77
CA ALA B 177 -27.70 8.02 -8.79
C ALA B 177 -28.41 6.79 -8.25
N PHE B 178 -27.98 5.61 -8.69
CA PHE B 178 -28.57 4.36 -8.23
C PHE B 178 -28.40 4.17 -6.73
N LEU B 179 -27.16 4.34 -6.25
CA LEU B 179 -26.88 4.16 -4.85
C LEU B 179 -27.71 5.09 -3.97
N GLU B 180 -27.77 6.37 -4.34
CA GLU B 180 -28.52 7.33 -3.56
C GLU B 180 -30.02 7.02 -3.58
N ALA B 181 -30.55 6.71 -4.76
CA ALA B 181 -31.96 6.38 -4.91
C ALA B 181 -32.38 5.15 -4.11
N GLN B 182 -31.52 4.12 -4.13
CA GLN B 182 -31.81 2.89 -3.38
C GLN B 182 -31.73 3.14 -1.89
N ALA B 183 -30.78 3.97 -1.48
CA ALA B 183 -30.60 4.29 -0.07
C ALA B 183 -31.86 4.99 0.45
N ARG B 184 -32.34 5.96 -0.33
CA ARG B 184 -33.53 6.72 0.04
C ARG B 184 -34.75 5.82 0.19
N ARG B 185 -34.88 4.84 -0.69
CA ARG B 185 -36.00 3.91 -0.64
C ARG B 185 -35.94 3.08 0.63
N ALA B 186 -34.74 2.59 0.95
CA ALA B 186 -34.53 1.77 2.13
C ALA B 186 -34.76 2.54 3.43
N LEU B 187 -34.22 3.75 3.52
CA LEU B 187 -34.38 4.57 4.72
C LEU B 187 -35.83 4.97 4.95
N SER B 188 -36.54 5.31 3.88
CA SER B 188 -37.93 5.72 4.02
C SER B 188 -38.80 4.52 4.36
N ALA B 189 -38.26 3.32 4.18
CA ALA B 189 -38.99 2.09 4.47
C ALA B 189 -38.75 1.59 5.89
N GLY B 190 -37.85 2.23 6.61
CA GLY B 190 -37.59 1.80 7.98
C GLY B 190 -36.19 1.32 8.27
N VAL B 191 -35.40 1.05 7.24
CA VAL B 191 -34.03 0.60 7.46
C VAL B 191 -33.31 1.73 8.19
N PRO B 192 -32.73 1.43 9.36
CA PRO B 192 -32.00 2.40 10.19
C PRO B 192 -30.85 3.13 9.50
N GLN B 193 -30.06 2.38 8.75
CA GLN B 193 -28.92 2.97 8.06
C GLN B 193 -28.59 2.16 6.82
N VAL B 194 -28.00 2.82 5.83
CA VAL B 194 -27.64 2.16 4.59
C VAL B 194 -26.16 2.40 4.29
N VAL B 195 -25.47 1.33 3.90
CA VAL B 195 -24.06 1.41 3.55
C VAL B 195 -24.01 1.30 2.03
N LEU B 196 -23.25 2.19 1.38
CA LEU B 196 -23.14 2.18 -0.07
C LEU B 196 -21.87 1.48 -0.54
N ASP B 197 -22.01 0.60 -1.51
CA ASP B 197 -20.88 -0.13 -2.08
C ASP B 197 -20.99 0.00 -3.60
N PRO B 198 -19.97 0.59 -4.24
CA PRO B 198 -19.92 0.80 -5.70
C PRO B 198 -19.98 -0.49 -6.52
N GLY B 199 -19.74 -1.61 -5.86
CA GLY B 199 -19.77 -2.88 -6.56
C GLY B 199 -18.67 -3.06 -7.59
N PHE B 200 -17.43 -2.79 -7.21
CA PHE B 200 -16.33 -2.94 -8.13
C PHE B 200 -16.31 -4.34 -8.71
N GLY B 201 -16.17 -4.42 -10.03
CA GLY B 201 -16.12 -5.71 -10.69
C GLY B 201 -17.46 -6.27 -11.14
N PHE B 202 -18.55 -5.71 -10.63
CA PHE B 202 -19.88 -6.19 -11.01
C PHE B 202 -20.47 -5.44 -12.19
N GLY B 203 -20.42 -6.06 -13.36
CA GLY B 203 -20.92 -5.43 -14.57
C GLY B 203 -20.10 -4.19 -14.86
N LYS B 204 -18.80 -4.28 -14.63
CA LYS B 204 -17.89 -3.15 -14.85
C LYS B 204 -16.55 -3.59 -15.41
N LEU B 205 -16.12 -2.92 -16.48
CA LEU B 205 -14.83 -3.20 -17.11
C LEU B 205 -13.81 -2.34 -16.38
N LEU B 206 -12.54 -2.58 -16.66
CA LEU B 206 -11.46 -1.82 -16.04
C LEU B 206 -11.70 -0.31 -16.09
N GLU B 207 -12.07 0.21 -17.26
CA GLU B 207 -12.31 1.64 -17.39
C GLU B 207 -13.37 2.15 -16.41
N HIS B 208 -14.39 1.34 -16.17
CA HIS B 208 -15.47 1.71 -15.25
C HIS B 208 -14.97 1.69 -13.81
N ASN B 209 -14.24 0.63 -13.45
CA ASN B 209 -13.72 0.52 -12.09
C ASN B 209 -12.72 1.64 -11.79
N LEU B 210 -11.93 2.00 -12.79
CA LEU B 210 -10.95 3.07 -12.62
C LEU B 210 -11.66 4.40 -12.39
N ALA B 211 -12.67 4.66 -13.19
CA ALA B 211 -13.43 5.90 -13.09
C ALA B 211 -14.07 6.04 -11.71
N LEU B 212 -14.67 4.95 -11.22
CA LEU B 212 -15.32 4.95 -9.92
C LEU B 212 -14.33 5.18 -8.79
N LEU B 213 -13.16 4.56 -8.88
CA LEU B 213 -12.14 4.73 -7.85
C LEU B 213 -11.62 6.17 -7.81
N ARG B 214 -11.35 6.72 -8.99
CA ARG B 214 -10.83 8.09 -9.09
C ARG B 214 -11.80 9.14 -8.58
N ARG B 215 -13.09 8.84 -8.63
CA ARG B 215 -14.09 9.79 -8.15
C ARG B 215 -14.86 9.22 -6.95
N LEU B 216 -14.23 8.31 -6.22
CA LEU B 216 -14.85 7.69 -5.07
C LEU B 216 -15.26 8.72 -4.01
N ASP B 217 -14.55 9.83 -3.94
CA ASP B 217 -14.86 10.89 -2.98
C ASP B 217 -16.28 11.41 -3.19
N GLU B 218 -16.75 11.35 -4.43
CA GLU B 218 -18.11 11.82 -4.72
C GLU B 218 -19.18 10.89 -4.17
N ILE B 219 -18.85 9.61 -4.03
CA ILE B 219 -19.80 8.66 -3.47
C ILE B 219 -19.77 8.81 -1.94
N VAL B 220 -18.59 9.10 -1.40
CA VAL B 220 -18.44 9.30 0.02
C VAL B 220 -19.20 10.57 0.43
N ALA B 221 -19.32 11.50 -0.50
CA ALA B 221 -19.99 12.78 -0.25
C ALA B 221 -21.51 12.70 -0.19
N LEU B 222 -22.06 11.51 -0.36
CA LEU B 222 -23.51 11.34 -0.30
C LEU B 222 -23.93 11.24 1.16
N GLY B 223 -22.94 11.17 2.05
CA GLY B 223 -23.22 11.09 3.47
C GLY B 223 -23.24 9.71 4.09
N HIS B 224 -23.82 8.73 3.39
CA HIS B 224 -23.90 7.39 3.92
C HIS B 224 -22.52 6.77 4.05
N PRO B 225 -22.37 5.77 4.93
CA PRO B 225 -21.06 5.13 5.08
C PRO B 225 -20.80 4.39 3.77
N VAL B 226 -19.56 4.40 3.31
CA VAL B 226 -19.21 3.73 2.07
C VAL B 226 -18.32 2.52 2.34
N LEU B 227 -18.60 1.44 1.61
CA LEU B 227 -17.84 0.20 1.75
C LEU B 227 -17.30 -0.20 0.38
N VAL B 228 -16.05 -0.64 0.32
CA VAL B 228 -15.49 -1.09 -0.95
C VAL B 228 -14.76 -2.41 -0.75
N GLY B 229 -14.70 -3.18 -1.81
CA GLY B 229 -14.02 -4.47 -1.76
C GLY B 229 -13.38 -4.77 -3.10
N LEU B 230 -12.07 -4.60 -3.18
CA LEU B 230 -11.34 -4.88 -4.41
C LEU B 230 -10.38 -6.06 -4.22
N SER B 231 -10.45 -6.70 -3.06
CA SER B 231 -9.56 -7.82 -2.76
C SER B 231 -9.55 -8.91 -3.82
N ARG B 232 -8.37 -9.11 -4.41
CA ARG B 232 -8.12 -10.12 -5.42
C ARG B 232 -8.97 -10.04 -6.67
N LYS B 233 -9.65 -8.92 -6.87
CA LYS B 233 -10.50 -8.76 -8.04
C LYS B 233 -9.73 -8.63 -9.35
N ARG B 234 -10.41 -8.89 -10.46
CA ARG B 234 -9.79 -8.81 -11.77
C ARG B 234 -9.11 -7.45 -11.99
N THR B 235 -9.74 -6.37 -11.52
CA THR B 235 -9.16 -5.04 -11.67
C THR B 235 -7.74 -5.01 -11.11
N ILE B 236 -7.54 -5.63 -9.96
CA ILE B 236 -6.23 -5.65 -9.33
C ILE B 236 -5.27 -6.47 -10.19
N GLY B 237 -5.74 -7.58 -10.74
CA GLY B 237 -4.88 -8.37 -11.58
C GLY B 237 -4.47 -7.61 -12.83
N GLU B 238 -5.42 -6.90 -13.43
CA GLU B 238 -5.18 -6.13 -14.63
C GLU B 238 -4.14 -5.04 -14.42
N LEU B 239 -4.23 -4.34 -13.29
CA LEU B 239 -3.31 -3.24 -13.02
C LEU B 239 -1.96 -3.66 -12.46
N SER B 240 -1.93 -4.74 -11.67
CA SER B 240 -0.68 -5.20 -11.07
C SER B 240 0.05 -6.27 -11.88
N GLY B 241 -0.63 -6.84 -12.87
CA GLY B 241 -0.03 -7.87 -13.69
C GLY B 241 0.13 -9.20 -12.97
N VAL B 242 -0.77 -9.47 -12.04
CA VAL B 242 -0.70 -10.72 -11.26
C VAL B 242 -1.78 -11.69 -11.72
N GLU B 243 -1.33 -12.74 -12.39
CA GLU B 243 -2.21 -13.76 -12.95
C GLU B 243 -3.09 -14.49 -11.93
N ASP B 244 -2.50 -14.91 -10.80
CA ASP B 244 -3.20 -15.66 -9.76
C ASP B 244 -3.96 -14.75 -8.79
N PRO B 245 -5.31 -14.87 -8.74
CA PRO B 245 -6.07 -14.01 -7.81
C PRO B 245 -5.57 -14.14 -6.38
N ALA B 246 -5.13 -15.33 -6.00
CA ALA B 246 -4.65 -15.57 -4.63
C ALA B 246 -3.36 -14.85 -4.28
N GLN B 247 -2.68 -14.29 -5.27
CA GLN B 247 -1.42 -13.60 -5.04
C GLN B 247 -1.51 -12.09 -5.25
N ARG B 248 -2.72 -11.54 -5.18
CA ARG B 248 -2.93 -10.11 -5.43
C ARG B 248 -2.99 -9.21 -4.20
N VAL B 249 -2.39 -9.64 -3.10
CA VAL B 249 -2.47 -8.82 -1.89
C VAL B 249 -1.86 -7.42 -2.02
N HIS B 250 -0.72 -7.30 -2.68
CA HIS B 250 -0.09 -5.99 -2.78
C HIS B 250 -0.87 -4.97 -3.58
N GLY B 251 -1.44 -5.41 -4.69
CA GLY B 251 -2.25 -4.50 -5.50
C GLY B 251 -3.56 -4.20 -4.79
N SER B 252 -4.08 -5.17 -4.05
CA SER B 252 -5.34 -4.95 -3.31
C SER B 252 -5.11 -3.93 -2.22
N VAL B 253 -4.03 -4.09 -1.47
CA VAL B 253 -3.72 -3.13 -0.41
C VAL B 253 -3.56 -1.74 -1.01
N ALA B 254 -2.87 -1.64 -2.15
CA ALA B 254 -2.68 -0.35 -2.81
C ALA B 254 -4.03 0.29 -3.18
N ALA B 255 -4.92 -0.50 -3.77
CA ALA B 255 -6.23 0.03 -4.15
C ALA B 255 -7.02 0.49 -2.95
N HIS B 256 -6.96 -0.30 -1.88
CA HIS B 256 -7.68 0.01 -0.67
C HIS B 256 -7.13 1.24 0.03
N LEU B 257 -5.81 1.43 0.00
CA LEU B 257 -5.25 2.64 0.62
C LEU B 257 -5.71 3.86 -0.16
N PHE B 258 -5.82 3.71 -1.47
CA PHE B 258 -6.28 4.82 -2.31
C PHE B 258 -7.73 5.12 -1.94
N ALA B 259 -8.55 4.08 -1.73
CA ALA B 259 -9.93 4.28 -1.34
C ALA B 259 -10.01 4.98 0.01
N VAL B 260 -9.11 4.61 0.92
CA VAL B 260 -9.07 5.24 2.23
C VAL B 260 -8.73 6.71 2.08
N MET B 261 -7.78 7.01 1.20
CA MET B 261 -7.40 8.39 0.96
C MET B 261 -8.62 9.18 0.46
N LYS B 262 -9.50 8.49 -0.27
CA LYS B 262 -10.71 9.12 -0.82
C LYS B 262 -11.83 9.26 0.22
N GLY B 263 -11.60 8.73 1.41
CA GLY B 263 -12.59 8.84 2.47
C GLY B 263 -13.31 7.58 2.91
N VAL B 264 -12.99 6.46 2.28
CA VAL B 264 -13.65 5.20 2.67
C VAL B 264 -13.10 4.68 3.98
N ARG B 265 -13.98 4.22 4.86
CA ARG B 265 -13.56 3.71 6.16
C ARG B 265 -14.01 2.28 6.42
N LEU B 266 -14.53 1.62 5.39
CA LEU B 266 -14.98 0.24 5.49
C LEU B 266 -14.42 -0.55 4.31
N LEU B 267 -13.63 -1.59 4.59
CA LEU B 267 -13.03 -2.39 3.54
C LEU B 267 -13.33 -3.88 3.69
N ARG B 268 -13.75 -4.52 2.61
CA ARG B 268 -14.02 -5.95 2.62
C ARG B 268 -12.73 -6.56 2.08
N VAL B 269 -12.04 -7.33 2.92
CA VAL B 269 -10.75 -7.90 2.52
C VAL B 269 -10.57 -9.39 2.81
N HIS B 270 -9.63 -10.00 2.10
CA HIS B 270 -9.30 -11.41 2.32
C HIS B 270 -8.12 -11.48 3.28
N ASP B 271 -7.05 -10.72 3.00
CA ASP B 271 -5.86 -10.74 3.87
C ASP B 271 -6.01 -9.65 4.92
N VAL B 272 -6.57 -10.04 6.06
CA VAL B 272 -6.81 -9.13 7.16
C VAL B 272 -5.51 -8.57 7.74
N ARG B 273 -4.57 -9.45 8.07
CA ARG B 273 -3.28 -9.02 8.65
C ARG B 273 -2.53 -8.02 7.78
N ALA B 274 -2.45 -8.31 6.49
CA ALA B 274 -1.76 -7.42 5.56
C ALA B 274 -2.37 -6.02 5.61
N HIS B 275 -3.70 -5.95 5.65
CA HIS B 275 -4.36 -4.66 5.70
C HIS B 275 -4.17 -3.95 7.03
N ARG B 276 -4.18 -4.71 8.12
CA ARG B 276 -3.97 -4.11 9.43
C ARG B 276 -2.55 -3.53 9.51
N GLU B 277 -1.57 -4.26 8.96
CA GLU B 277 -0.18 -3.78 8.98
C GLU B 277 -0.04 -2.53 8.11
N ALA B 278 -0.60 -2.56 6.92
CA ALA B 278 -0.53 -1.42 6.02
C ALA B 278 -1.25 -0.20 6.61
N LEU B 279 -2.42 -0.42 7.20
CA LEU B 279 -3.17 0.68 7.80
C LEU B 279 -2.46 1.25 9.02
N GLY B 280 -1.71 0.41 9.74
CA GLY B 280 -0.99 0.89 10.91
C GLY B 280 -0.05 2.01 10.49
N VAL B 281 0.57 1.82 9.33
CA VAL B 281 1.48 2.81 8.78
C VAL B 281 0.69 3.97 8.17
N TRP B 282 -0.21 3.66 7.25
CA TRP B 282 -0.96 4.70 6.56
C TRP B 282 -1.71 5.67 7.47
N GLU B 283 -2.45 5.15 8.44
CA GLU B 283 -3.24 6.02 9.30
C GLU B 283 -2.38 6.89 10.22
N ALA B 284 -1.13 6.51 10.41
CA ALA B 284 -0.23 7.31 11.25
C ALA B 284 0.36 8.45 10.42
N LEU B 285 0.40 8.29 9.10
CA LEU B 285 0.98 9.27 8.20
C LEU B 285 -0.02 10.25 7.59
N TYR B 286 -1.15 9.74 7.13
CA TYR B 286 -2.16 10.59 6.53
C TYR B 286 -2.99 11.27 7.60
#